data_9QHB
#
_entry.id   9QHB
#
_cell.length_a   68.955
_cell.length_b   68.955
_cell.length_c   148.210
_cell.angle_alpha   90.00
_cell.angle_beta   90.00
_cell.angle_gamma   120.00
#
_symmetry.space_group_name_H-M   'P 31 2 1'
#
loop_
_entity.id
_entity.type
_entity.pdbx_description
1 polymer 'Engineered tetratricopeptide repeat protein'
2 non-polymer 'CALCIUM ION'
3 non-polymer (4S)-2-METHYL-2,4-PENTANEDIOL
4 non-polymer 'ACETATE ION'
5 water water
#
_entity_poly.entity_id   1
_entity_poly.type   'polypeptide(L)'
_entity_poly.pdbx_seq_one_letter_code
;GAMGSAEAWYNLGNAYYKQGDYDEAIEYYQKALELDPRSAEAWYNLGNAYYKQGDYDEAIEYYQKALELDPRSAEAWYNL
GNAYYKQGDYLKAIEYYQKALELDPRSAEAWYNLGNAYYKQGDYLKAIEYYQKALELDPRSAEAWYNLGNAYYKQGDYLK
AIEYYQKALELDPRSAEAWYNLGNAYYKQGDYLKAIEYYQKALELDPRSAEAWYNLGNAYYKQGDYDEAIEYYQKALELD
PRSAEAWYNLGNAYYKQGDYDEAIEYYQKALELDPRSAEAWYNLGNAYYKQGDYDEAIEYYQKALELDPRSAEAWYNLGN
AYYKQGDYDEAIEYYQKALELDPRSAEAWYNLGNAYYKQGDYLKAIEYYQKALELDPRSAEAWYNLGNAYYKQGDYLKAI
EYYQKALELDPRSAEAWYNLGNAYYKQGDYLKAIEYYQKALELDPRSAEAWYNLGNAYYKQGDYLKAIEYYQKALELDPR
SAEAWYNLGNAYYKQGDYDEAIEYYQKALELDPRSAEAWYNLGNAYYKQGDYDEAIEYYQKALELDPRSAEAKQNLGNAK
QKQG
;
_entity_poly.pdbx_strand_id   A
#
# COMPACT_ATOMS: atom_id res chain seq x y z
N ALA A 6 13.70 -21.44 -32.14
CA ALA A 6 12.76 -20.77 -31.21
C ALA A 6 13.35 -20.76 -29.80
N GLU A 7 13.60 -21.96 -29.26
CA GLU A 7 13.95 -22.16 -27.88
C GLU A 7 15.25 -21.44 -27.51
N ALA A 8 16.22 -21.45 -28.43
CA ALA A 8 17.51 -20.86 -28.12
C ALA A 8 17.39 -19.34 -28.08
N TRP A 9 16.57 -18.77 -28.96
CA TRP A 9 16.27 -17.34 -28.92
C TRP A 9 15.54 -16.99 -27.63
N TYR A 10 14.59 -17.84 -27.27
CA TYR A 10 13.81 -17.65 -26.07
C TYR A 10 14.73 -17.66 -24.84
N ASN A 11 15.69 -18.61 -24.79
CA ASN A 11 16.60 -18.72 -23.67
C ASN A 11 17.56 -17.52 -23.64
N LEU A 12 17.93 -17.00 -24.80
CA LEU A 12 18.69 -15.76 -24.86
C LEU A 12 17.89 -14.61 -24.23
N GLY A 13 16.63 -14.45 -24.64
CA GLY A 13 15.75 -13.42 -24.12
C GLY A 13 15.64 -13.50 -22.60
N ASN A 14 15.49 -14.73 -22.12
CA ASN A 14 15.40 -15.00 -20.70
C ASN A 14 16.66 -14.53 -19.97
N ALA A 15 17.84 -14.78 -20.57
CA ALA A 15 19.08 -14.38 -19.92
C ALA A 15 19.16 -12.85 -19.79
N TYR A 16 18.75 -12.15 -20.87
CA TYR A 16 18.63 -10.71 -20.79
C TYR A 16 17.62 -10.26 -19.74
N TYR A 17 16.44 -10.90 -19.73
CA TYR A 17 15.41 -10.58 -18.75
C TYR A 17 15.96 -10.69 -17.34
N LYS A 18 16.63 -11.82 -17.05
CA LYS A 18 17.15 -12.12 -15.72
C LYS A 18 18.20 -11.08 -15.29
N GLN A 19 18.82 -10.39 -16.25
CA GLN A 19 19.85 -9.42 -15.94
C GLN A 19 19.24 -8.03 -15.96
N GLY A 20 17.95 -7.93 -16.30
CA GLY A 20 17.17 -6.72 -16.16
C GLY A 20 17.23 -5.88 -17.44
N ASP A 21 17.71 -6.47 -18.54
CA ASP A 21 17.76 -5.77 -19.81
C ASP A 21 16.50 -6.10 -20.61
N TYR A 22 15.42 -5.35 -20.31
CA TYR A 22 14.09 -5.72 -20.78
C TYR A 22 13.99 -5.46 -22.28
N ASP A 23 14.63 -4.42 -22.82
CA ASP A 23 14.52 -4.13 -24.24
C ASP A 23 15.17 -5.23 -25.08
N GLU A 24 16.36 -5.71 -24.63
CA GLU A 24 17.05 -6.81 -25.29
C GLU A 24 16.25 -8.10 -25.22
N ALA A 25 15.72 -8.46 -24.03
CA ALA A 25 14.81 -9.58 -23.89
C ALA A 25 13.68 -9.51 -24.93
N ILE A 26 13.13 -8.31 -25.15
CA ILE A 26 12.02 -8.14 -26.07
C ILE A 26 12.47 -8.49 -27.49
N GLU A 27 13.58 -7.93 -27.95
CA GLU A 27 14.10 -8.24 -29.28
C GLU A 27 14.15 -9.75 -29.50
N TYR A 28 14.69 -10.50 -28.51
CA TYR A 28 14.96 -11.92 -28.70
C TYR A 28 13.70 -12.76 -28.54
N TYR A 29 12.75 -12.34 -27.68
CA TYR A 29 11.47 -13.04 -27.61
C TYR A 29 10.73 -12.89 -28.94
N GLN A 30 10.82 -11.73 -29.58
CA GLN A 30 10.21 -11.51 -30.89
C GLN A 30 10.77 -12.47 -31.95
N LYS A 31 12.10 -12.55 -32.03
CA LYS A 31 12.79 -13.51 -32.86
C LYS A 31 12.27 -14.91 -32.61
N ALA A 32 12.14 -15.29 -31.34
CA ALA A 32 11.61 -16.62 -31.05
C ALA A 32 10.17 -16.78 -31.54
N LEU A 33 9.39 -15.70 -31.53
CA LEU A 33 7.96 -15.79 -31.87
C LEU A 33 7.74 -15.79 -33.38
N GLU A 34 8.64 -15.16 -34.15
CA GLU A 34 8.56 -15.27 -35.60
C GLU A 34 8.81 -16.73 -35.99
N LEU A 35 9.66 -17.44 -35.26
CA LEU A 35 9.98 -18.82 -35.56
C LEU A 35 8.97 -19.80 -34.94
N ASP A 36 8.28 -19.41 -33.86
CA ASP A 36 7.20 -20.24 -33.31
C ASP A 36 6.10 -19.37 -32.72
N PRO A 37 5.15 -18.87 -33.55
CA PRO A 37 4.08 -17.99 -33.07
C PRO A 37 3.11 -18.59 -32.08
N ARG A 38 3.28 -19.89 -31.75
CA ARG A 38 2.38 -20.62 -30.86
C ARG A 38 2.99 -20.86 -29.48
N SER A 39 4.16 -20.27 -29.23
CA SER A 39 4.85 -20.40 -27.96
C SER A 39 4.20 -19.47 -26.93
N ALA A 40 3.21 -19.97 -26.20
CA ALA A 40 2.56 -19.17 -25.17
C ALA A 40 3.59 -18.63 -24.18
N GLU A 41 4.67 -19.39 -23.94
CA GLU A 41 5.73 -19.02 -23.03
C GLU A 41 6.40 -17.74 -23.47
N ALA A 42 6.58 -17.61 -24.78
CA ALA A 42 7.29 -16.47 -25.31
C ALA A 42 6.40 -15.24 -25.28
N TRP A 43 5.09 -15.42 -25.53
CA TRP A 43 4.15 -14.33 -25.47
C TRP A 43 4.10 -13.74 -24.07
N TYR A 44 4.00 -14.64 -23.09
CA TYR A 44 3.86 -14.28 -21.71
C TYR A 44 5.09 -13.52 -21.21
N ASN A 45 6.28 -14.03 -21.54
CA ASN A 45 7.53 -13.41 -21.15
C ASN A 45 7.74 -12.06 -21.82
N LEU A 46 7.37 -11.97 -23.09
CA LEU A 46 7.27 -10.68 -23.79
C LEU A 46 6.43 -9.70 -22.98
N GLY A 47 5.22 -10.11 -22.64
CA GLY A 47 4.31 -9.36 -21.80
C GLY A 47 5.03 -8.89 -20.53
N ASN A 48 5.70 -9.82 -19.84
CA ASN A 48 6.42 -9.54 -18.62
C ASN A 48 7.50 -8.46 -18.78
N ALA A 49 8.24 -8.51 -19.90
CA ALA A 49 9.27 -7.55 -20.24
C ALA A 49 8.67 -6.15 -20.45
N TYR A 50 7.46 -6.08 -21.00
CA TYR A 50 6.74 -4.82 -21.09
C TYR A 50 6.24 -4.34 -19.72
N TYR A 51 5.67 -5.27 -18.96
CA TYR A 51 5.17 -4.95 -17.65
C TYR A 51 6.29 -4.32 -16.81
N LYS A 52 7.50 -4.84 -16.96
CA LYS A 52 8.59 -4.44 -16.11
C LYS A 52 9.01 -3.01 -16.41
N GLN A 53 8.64 -2.46 -17.58
CA GLN A 53 8.96 -1.09 -17.95
C GLN A 53 7.79 -0.12 -17.76
N GLY A 54 6.68 -0.57 -17.18
CA GLY A 54 5.47 0.23 -17.00
C GLY A 54 4.61 0.33 -18.26
N ASP A 55 4.84 -0.57 -19.23
CA ASP A 55 4.13 -0.54 -20.50
C ASP A 55 2.97 -1.54 -20.42
N TYR A 56 1.95 -1.13 -19.66
CA TYR A 56 0.88 -2.01 -19.23
C TYR A 56 -0.05 -2.33 -20.39
N ASP A 57 -0.26 -1.38 -21.32
CA ASP A 57 -1.06 -1.64 -22.51
C ASP A 57 -0.48 -2.80 -23.33
N GLU A 58 0.84 -2.76 -23.56
CA GLU A 58 1.52 -3.81 -24.29
C GLU A 58 1.50 -5.13 -23.51
N ALA A 59 1.76 -5.07 -22.20
CA ALA A 59 1.79 -6.30 -21.42
C ALA A 59 0.47 -7.04 -21.62
N ILE A 60 -0.62 -6.27 -21.51
CA ILE A 60 -1.97 -6.80 -21.58
C ILE A 60 -2.15 -7.49 -22.93
N GLU A 61 -1.76 -6.83 -24.01
CA GLU A 61 -1.93 -7.39 -25.34
C GLU A 61 -1.26 -8.76 -25.42
N TYR A 62 -0.02 -8.86 -24.93
CA TYR A 62 0.72 -10.08 -25.08
C TYR A 62 0.21 -11.13 -24.10
N TYR A 63 -0.19 -10.74 -22.90
CA TYR A 63 -0.80 -11.70 -21.99
C TYR A 63 -2.06 -12.30 -22.63
N GLN A 64 -2.82 -11.51 -23.39
CA GLN A 64 -4.01 -11.99 -24.05
C GLN A 64 -3.67 -12.99 -25.16
N LYS A 65 -2.62 -12.73 -25.91
CA LYS A 65 -2.11 -13.68 -26.88
C LYS A 65 -1.77 -15.00 -26.21
N ALA A 66 -1.03 -14.92 -25.10
CA ALA A 66 -0.65 -16.11 -24.35
C ALA A 66 -1.89 -16.90 -23.92
N LEU A 67 -2.92 -16.16 -23.46
CA LEU A 67 -4.15 -16.78 -22.96
C LEU A 67 -4.94 -17.43 -24.08
N GLU A 68 -4.84 -16.86 -25.29
CA GLU A 68 -5.40 -17.48 -26.48
C GLU A 68 -4.84 -18.89 -26.65
N LEU A 69 -3.53 -19.06 -26.50
CA LEU A 69 -2.84 -20.33 -26.69
C LEU A 69 -2.94 -21.26 -25.47
N ASP A 70 -2.95 -20.70 -24.26
CA ASP A 70 -3.05 -21.47 -23.03
C ASP A 70 -4.10 -20.85 -22.12
N PRO A 71 -5.41 -21.03 -22.38
CA PRO A 71 -6.45 -20.47 -21.52
C PRO A 71 -6.50 -20.98 -20.09
N ARG A 72 -5.70 -22.01 -19.79
CA ARG A 72 -5.59 -22.49 -18.42
C ARG A 72 -4.28 -22.02 -17.77
N SER A 73 -3.63 -20.98 -18.30
CA SER A 73 -2.49 -20.37 -17.65
C SER A 73 -2.92 -19.45 -16.51
N ALA A 74 -2.93 -19.98 -15.28
CA ALA A 74 -3.20 -19.20 -14.09
C ALA A 74 -2.26 -18.01 -13.98
N GLU A 75 -1.03 -18.20 -14.49
CA GLU A 75 0.05 -17.23 -14.39
C GLU A 75 -0.27 -16.04 -15.28
N ALA A 76 -0.73 -16.30 -16.51
CA ALA A 76 -1.10 -15.23 -17.42
C ALA A 76 -2.32 -14.48 -16.92
N TRP A 77 -3.27 -15.19 -16.29
CA TRP A 77 -4.49 -14.54 -15.84
C TRP A 77 -4.12 -13.57 -14.74
N TYR A 78 -3.26 -14.05 -13.85
CA TYR A 78 -2.81 -13.29 -12.70
C TYR A 78 -2.07 -12.04 -13.16
N ASN A 79 -1.13 -12.20 -14.12
CA ASN A 79 -0.33 -11.08 -14.57
C ASN A 79 -1.17 -10.09 -15.37
N LEU A 80 -2.19 -10.58 -16.09
CA LEU A 80 -3.20 -9.72 -16.68
C LEU A 80 -3.88 -8.86 -15.61
N GLY A 81 -4.32 -9.51 -14.53
CA GLY A 81 -4.92 -8.85 -13.38
C GLY A 81 -3.99 -7.79 -12.81
N ASN A 82 -2.69 -8.11 -12.70
CA ASN A 82 -1.70 -7.19 -12.18
C ASN A 82 -1.56 -5.95 -13.07
N ALA A 83 -1.53 -6.14 -14.39
CA ALA A 83 -1.40 -5.03 -15.32
C ALA A 83 -2.59 -4.07 -15.16
N TYR A 84 -3.77 -4.61 -14.99
CA TYR A 84 -4.95 -3.80 -14.78
C TYR A 84 -4.90 -3.13 -13.41
N TYR A 85 -4.44 -3.88 -12.41
CA TYR A 85 -4.26 -3.36 -11.08
C TYR A 85 -3.32 -2.14 -11.10
N LYS A 86 -2.19 -2.26 -11.77
CA LYS A 86 -1.21 -1.19 -11.86
C LYS A 86 -1.78 0.05 -12.54
N GLN A 87 -2.76 -0.13 -13.41
CA GLN A 87 -3.41 0.98 -14.07
C GLN A 87 -4.60 1.50 -13.28
N GLY A 88 -4.91 0.93 -12.12
CA GLY A 88 -5.98 1.41 -11.26
C GLY A 88 -7.37 0.97 -11.71
N ASP A 89 -7.43 -0.05 -12.58
CA ASP A 89 -8.70 -0.64 -12.99
C ASP A 89 -8.95 -1.89 -12.15
N TYR A 90 -9.44 -1.67 -10.93
CA TYR A 90 -9.52 -2.72 -9.94
C TYR A 90 -10.62 -3.73 -10.26
N LEU A 91 -11.67 -3.33 -11.00
CA LEU A 91 -12.75 -4.23 -11.37
C LEU A 91 -12.22 -5.31 -12.32
N LYS A 92 -11.41 -4.90 -13.29
CA LYS A 92 -10.78 -5.84 -14.19
C LYS A 92 -9.78 -6.75 -13.45
N ALA A 93 -9.01 -6.15 -12.53
CA ALA A 93 -8.04 -6.87 -11.75
C ALA A 93 -8.76 -8.01 -11.04
N ILE A 94 -9.89 -7.69 -10.41
CA ILE A 94 -10.71 -8.65 -9.68
C ILE A 94 -11.11 -9.77 -10.64
N GLU A 95 -11.62 -9.42 -11.81
CA GLU A 95 -12.11 -10.45 -12.72
C GLU A 95 -10.99 -11.44 -13.05
N TYR A 96 -9.77 -10.94 -13.31
CA TYR A 96 -8.74 -11.82 -13.82
C TYR A 96 -8.11 -12.64 -12.71
N TYR A 97 -7.99 -12.05 -11.53
CA TYR A 97 -7.51 -12.76 -10.36
C TYR A 97 -8.43 -13.94 -10.02
N GLN A 98 -9.75 -13.72 -10.10
CA GLN A 98 -10.73 -14.80 -9.93
C GLN A 98 -10.51 -15.91 -10.95
N LYS A 99 -10.30 -15.51 -12.19
CA LYS A 99 -9.98 -16.48 -13.23
C LYS A 99 -8.71 -17.25 -12.88
N ALA A 100 -7.69 -16.55 -12.34
CA ALA A 100 -6.47 -17.22 -11.87
C ALA A 100 -6.77 -18.21 -10.74
N LEU A 101 -7.60 -17.80 -9.78
CA LEU A 101 -7.83 -18.57 -8.58
C LEU A 101 -8.64 -19.82 -8.87
N GLU A 102 -9.54 -19.75 -9.86
CA GLU A 102 -10.26 -20.93 -10.32
C GLU A 102 -9.28 -21.98 -10.81
N LEU A 103 -8.23 -21.56 -11.51
CA LEU A 103 -7.26 -22.49 -12.08
C LEU A 103 -6.28 -22.97 -11.02
N ASP A 104 -6.03 -22.13 -10.01
CA ASP A 104 -5.02 -22.42 -9.02
C ASP A 104 -5.50 -21.89 -7.68
N PRO A 105 -6.47 -22.58 -7.05
CA PRO A 105 -7.13 -22.06 -5.87
C PRO A 105 -6.28 -22.14 -4.61
N ARG A 106 -5.03 -22.60 -4.73
CA ARG A 106 -4.15 -22.63 -3.57
C ARG A 106 -3.01 -21.63 -3.75
N SER A 107 -3.19 -20.65 -4.63
CA SER A 107 -2.23 -19.55 -4.78
C SER A 107 -2.46 -18.47 -3.73
N ALA A 108 -1.53 -18.30 -2.78
CA ALA A 108 -1.68 -17.29 -1.73
C ALA A 108 -1.70 -15.89 -2.35
N GLU A 109 -0.94 -15.73 -3.45
CA GLU A 109 -0.69 -14.45 -4.10
C GLU A 109 -1.96 -13.95 -4.78
N ALA A 110 -2.64 -14.85 -5.47
CA ALA A 110 -3.88 -14.49 -6.13
C ALA A 110 -4.95 -14.12 -5.10
N TRP A 111 -4.99 -14.81 -3.95
CA TRP A 111 -5.94 -14.49 -2.88
C TRP A 111 -5.61 -13.12 -2.29
N TYR A 112 -4.34 -12.88 -2.04
CA TYR A 112 -3.91 -11.65 -1.39
C TYR A 112 -4.22 -10.47 -2.29
N ASN A 113 -3.89 -10.63 -3.57
CA ASN A 113 -4.04 -9.55 -4.53
C ASN A 113 -5.51 -9.31 -4.79
N LEU A 114 -6.35 -10.36 -4.78
CA LEU A 114 -7.79 -10.14 -4.87
C LEU A 114 -8.25 -9.34 -3.66
N GLY A 115 -7.70 -9.68 -2.49
CA GLY A 115 -7.95 -8.92 -1.28
C GLY A 115 -7.59 -7.45 -1.45
N ASN A 116 -6.41 -7.20 -2.05
CA ASN A 116 -5.94 -5.84 -2.29
C ASN A 116 -6.90 -5.08 -3.20
N ALA A 117 -7.35 -5.74 -4.26
CA ALA A 117 -8.21 -5.10 -5.23
C ALA A 117 -9.56 -4.77 -4.58
N TYR A 118 -10.05 -5.66 -3.70
CA TYR A 118 -11.32 -5.39 -3.05
C TYR A 118 -11.10 -4.22 -2.08
N TYR A 119 -9.97 -4.24 -1.38
CA TYR A 119 -9.62 -3.15 -0.48
C TYR A 119 -9.66 -1.82 -1.22
N LYS A 120 -9.03 -1.78 -2.40
CA LYS A 120 -8.98 -0.56 -3.20
C LYS A 120 -10.37 -0.13 -3.66
N GLN A 121 -11.26 -1.10 -3.92
CA GLN A 121 -12.62 -0.80 -4.30
C GLN A 121 -13.45 -0.31 -3.11
N GLY A 122 -12.97 -0.52 -1.88
CA GLY A 122 -13.69 -0.12 -0.69
C GLY A 122 -14.61 -1.21 -0.17
N ASP A 123 -14.40 -2.45 -0.61
CA ASP A 123 -15.16 -3.58 -0.10
C ASP A 123 -14.34 -4.33 0.95
N TYR A 124 -14.34 -3.76 2.16
CA TYR A 124 -13.47 -4.24 3.22
C TYR A 124 -13.88 -5.62 3.69
N LEU A 125 -15.18 -5.96 3.57
CA LEU A 125 -15.65 -7.28 3.94
C LEU A 125 -15.00 -8.36 3.07
N LYS A 126 -14.96 -8.12 1.75
CA LYS A 126 -14.31 -9.06 0.85
C LYS A 126 -12.80 -9.05 1.07
N ALA A 127 -12.20 -7.87 1.24
CA ALA A 127 -10.77 -7.82 1.51
C ALA A 127 -10.45 -8.81 2.63
N ILE A 128 -11.23 -8.70 3.72
CA ILE A 128 -11.05 -9.54 4.89
C ILE A 128 -11.11 -11.00 4.50
N GLU A 129 -12.16 -11.43 3.80
CA GLU A 129 -12.30 -12.86 3.56
C GLU A 129 -11.10 -13.31 2.75
N TYR A 130 -10.62 -12.46 1.81
CA TYR A 130 -9.58 -12.90 0.89
C TYR A 130 -8.18 -12.86 1.52
N TYR A 131 -7.86 -11.80 2.27
CA TYR A 131 -6.66 -11.79 3.09
C TYR A 131 -6.56 -13.02 4.00
N GLN A 132 -7.69 -13.38 4.62
CA GLN A 132 -7.72 -14.50 5.54
C GLN A 132 -7.35 -15.78 4.79
N LYS A 133 -7.90 -15.94 3.60
CA LYS A 133 -7.61 -17.15 2.84
C LYS A 133 -6.13 -17.16 2.47
N ALA A 134 -5.57 -15.98 2.21
CA ALA A 134 -4.19 -15.92 1.77
C ALA A 134 -3.26 -16.25 2.93
N LEU A 135 -3.62 -15.83 4.15
CA LEU A 135 -2.80 -16.04 5.33
C LEU A 135 -2.91 -17.49 5.83
N GLU A 136 -4.10 -18.10 5.71
CA GLU A 136 -4.26 -19.53 5.87
C GLU A 136 -3.21 -20.22 5.00
N LEU A 137 -3.16 -19.87 3.71
CA LEU A 137 -2.30 -20.58 2.81
C LEU A 137 -0.83 -20.32 3.13
N ASP A 138 -0.51 -19.11 3.63
CA ASP A 138 0.87 -18.73 3.87
C ASP A 138 0.90 -17.51 4.79
N PRO A 139 1.18 -17.65 6.11
CA PRO A 139 1.06 -16.54 7.05
C PRO A 139 2.34 -15.74 7.25
N ARG A 140 3.29 -15.87 6.32
CA ARG A 140 4.64 -15.40 6.62
C ARG A 140 4.85 -13.91 6.30
N SER A 141 3.90 -13.26 5.60
CA SER A 141 4.07 -11.87 5.20
C SER A 141 3.55 -10.91 6.28
N ALA A 142 4.46 -10.06 6.81
CA ALA A 142 4.08 -8.98 7.71
C ALA A 142 3.03 -8.08 7.04
N GLU A 143 3.22 -7.82 5.76
CA GLU A 143 2.39 -6.87 5.04
C GLU A 143 0.92 -7.33 4.98
N ALA A 144 0.71 -8.62 4.76
CA ALA A 144 -0.62 -9.17 4.64
C ALA A 144 -1.38 -9.03 5.96
N TRP A 145 -0.71 -9.30 7.09
CA TRP A 145 -1.32 -9.16 8.41
C TRP A 145 -1.69 -7.71 8.63
N TYR A 146 -0.77 -6.81 8.27
CA TYR A 146 -1.02 -5.39 8.38
C TYR A 146 -2.24 -4.97 7.55
N ASN A 147 -2.32 -5.41 6.29
CA ASN A 147 -3.47 -5.10 5.44
C ASN A 147 -4.77 -5.69 6.01
N LEU A 148 -4.68 -6.88 6.56
CA LEU A 148 -5.84 -7.49 7.22
C LEU A 148 -6.30 -6.56 8.33
N GLY A 149 -5.33 -6.14 9.16
CA GLY A 149 -5.60 -5.21 10.24
C GLY A 149 -6.28 -3.94 9.75
N ASN A 150 -5.79 -3.39 8.65
CA ASN A 150 -6.34 -2.16 8.09
C ASN A 150 -7.79 -2.36 7.65
N ALA A 151 -8.09 -3.50 7.03
CA ALA A 151 -9.45 -3.80 6.60
C ALA A 151 -10.41 -3.83 7.80
N TYR A 152 -10.01 -4.53 8.87
CA TYR A 152 -10.80 -4.54 10.09
C TYR A 152 -10.94 -3.12 10.62
N TYR A 153 -9.87 -2.35 10.49
CA TYR A 153 -9.88 -0.96 10.95
C TYR A 153 -10.98 -0.20 10.24
N LYS A 154 -11.07 -0.34 8.91
CA LYS A 154 -12.06 0.35 8.10
C LYS A 154 -13.46 -0.05 8.51
N GLN A 155 -13.59 -1.29 8.98
CA GLN A 155 -14.87 -1.83 9.48
C GLN A 155 -15.11 -1.46 10.94
N GLY A 156 -14.17 -0.71 11.58
CA GLY A 156 -14.37 -0.22 12.93
C GLY A 156 -14.17 -1.30 13.99
N ASP A 157 -13.69 -2.49 13.61
CA ASP A 157 -13.34 -3.53 14.57
C ASP A 157 -11.87 -3.36 15.02
N TYR A 158 -11.66 -2.47 16.00
CA TYR A 158 -10.32 -2.10 16.38
C TYR A 158 -9.64 -3.24 17.12
N LEU A 159 -10.47 -4.08 17.72
CA LEU A 159 -9.97 -5.15 18.58
C LEU A 159 -9.32 -6.23 17.71
N LYS A 160 -9.93 -6.49 16.54
CA LYS A 160 -9.32 -7.34 15.52
C LYS A 160 -8.12 -6.65 14.84
N ALA A 161 -8.26 -5.35 14.56
CA ALA A 161 -7.20 -4.57 13.95
C ALA A 161 -5.92 -4.76 14.77
N ILE A 162 -6.03 -4.55 16.09
CA ILE A 162 -4.91 -4.66 17.01
C ILE A 162 -4.28 -6.05 16.94
N GLU A 163 -5.11 -7.08 16.99
CA GLU A 163 -4.60 -8.44 16.95
C GLU A 163 -3.71 -8.60 15.71
N TYR A 164 -4.14 -8.04 14.56
CA TYR A 164 -3.43 -8.30 13.31
C TYR A 164 -2.21 -7.38 13.18
N TYR A 165 -2.32 -6.15 13.68
CA TYR A 165 -1.12 -5.31 13.77
C TYR A 165 -0.05 -5.97 14.63
N GLN A 166 -0.47 -6.57 15.77
CA GLN A 166 0.47 -7.22 16.65
C GLN A 166 1.17 -8.33 15.90
N LYS A 167 0.36 -9.08 15.11
CA LYS A 167 0.90 -10.16 14.31
C LYS A 167 1.86 -9.61 13.26
N ALA A 168 1.54 -8.47 12.63
CA ALA A 168 2.47 -7.88 11.67
C ALA A 168 3.78 -7.56 12.37
N LEU A 169 3.67 -7.00 13.57
CA LEU A 169 4.84 -6.50 14.30
C LEU A 169 5.74 -7.62 14.85
N GLU A 170 5.17 -8.77 15.22
CA GLU A 170 6.01 -9.90 15.59
C GLU A 170 6.91 -10.28 14.44
N LEU A 171 6.33 -10.27 13.22
CA LEU A 171 7.03 -10.66 12.01
C LEU A 171 7.99 -9.56 11.55
N ASP A 172 7.61 -8.29 11.71
CA ASP A 172 8.46 -7.17 11.33
C ASP A 172 8.28 -6.03 12.33
N PRO A 173 9.10 -6.01 13.41
CA PRO A 173 9.02 -4.94 14.40
C PRO A 173 9.60 -3.60 13.91
N ARG A 174 10.10 -3.53 12.68
CA ARG A 174 10.55 -2.24 12.14
C ARG A 174 9.48 -1.64 11.21
N SER A 175 8.27 -2.20 11.22
CA SER A 175 7.21 -1.64 10.43
C SER A 175 6.63 -0.41 11.13
N ALA A 176 7.09 0.78 10.72
CA ALA A 176 6.58 2.03 11.24
C ALA A 176 5.06 2.11 11.01
N GLU A 177 4.60 1.61 9.86
CA GLU A 177 3.18 1.65 9.52
C GLU A 177 2.36 0.86 10.52
N ALA A 178 2.84 -0.32 10.92
CA ALA A 178 2.08 -1.14 11.83
C ALA A 178 2.03 -0.52 13.22
N TRP A 179 3.13 0.09 13.66
CA TRP A 179 3.15 0.77 14.94
C TRP A 179 2.17 1.93 14.93
N TYR A 180 2.14 2.66 13.83
CA TYR A 180 1.33 3.85 13.72
C TYR A 180 -0.15 3.50 13.83
N ASN A 181 -0.56 2.50 13.07
CA ASN A 181 -1.95 2.08 13.03
C ASN A 181 -2.35 1.28 14.27
N LEU A 182 -1.38 0.59 14.88
CA LEU A 182 -1.58 0.01 16.20
C LEU A 182 -1.99 1.13 17.14
N GLY A 183 -1.22 2.22 17.05
CA GLY A 183 -1.49 3.42 17.80
C GLY A 183 -2.90 3.94 17.56
N ASN A 184 -3.37 3.95 16.30
CA ASN A 184 -4.69 4.48 16.01
C ASN A 184 -5.78 3.60 16.64
N ALA A 185 -5.64 2.30 16.45
CA ALA A 185 -6.56 1.32 17.02
C ALA A 185 -6.63 1.41 18.55
N TYR A 186 -5.49 1.49 19.23
CA TYR A 186 -5.49 1.74 20.67
C TYR A 186 -6.12 3.10 20.97
N TYR A 187 -5.94 4.08 20.06
CA TYR A 187 -6.47 5.40 20.28
C TYR A 187 -8.00 5.32 20.35
N LYS A 188 -8.62 4.69 19.36
CA LYS A 188 -10.06 4.60 19.28
C LYS A 188 -10.68 3.74 20.40
N GLN A 189 -9.92 2.78 20.95
CA GLN A 189 -10.34 2.03 22.13
C GLN A 189 -10.18 2.85 23.41
N GLY A 190 -9.84 4.14 23.30
CA GLY A 190 -9.78 5.00 24.47
C GLY A 190 -8.49 4.84 25.27
N ASP A 191 -7.46 4.15 24.70
CA ASP A 191 -6.20 3.95 25.40
C ASP A 191 -5.09 4.84 24.81
N TYR A 192 -5.15 6.13 25.16
CA TYR A 192 -4.42 7.20 24.50
C TYR A 192 -2.95 7.20 24.93
N LEU A 193 -2.66 6.64 26.10
CA LEU A 193 -1.28 6.64 26.56
C LEU A 193 -0.55 5.53 25.84
N LYS A 194 -1.26 4.43 25.55
CA LYS A 194 -0.71 3.36 24.73
C LYS A 194 -0.57 3.82 23.28
N ALA A 195 -1.54 4.60 22.79
CA ALA A 195 -1.47 5.20 21.47
C ALA A 195 -0.17 6.00 21.33
N ILE A 196 0.02 6.95 22.24
CA ILE A 196 1.18 7.82 22.27
C ILE A 196 2.45 7.01 22.25
N GLU A 197 2.47 5.91 23.00
CA GLU A 197 3.63 5.05 23.06
C GLU A 197 3.93 4.45 21.68
N TYR A 198 2.86 4.07 20.96
CA TYR A 198 3.00 3.38 19.70
C TYR A 198 3.36 4.40 18.62
N TYR A 199 2.81 5.62 18.70
CA TYR A 199 3.19 6.69 17.79
C TYR A 199 4.66 7.02 17.94
N GLN A 200 5.15 7.11 19.18
CA GLN A 200 6.56 7.36 19.44
C GLN A 200 7.47 6.29 18.87
N LYS A 201 7.05 5.03 18.94
CA LYS A 201 7.80 3.94 18.34
C LYS A 201 7.83 4.10 16.81
N ALA A 202 6.70 4.48 16.21
CA ALA A 202 6.68 4.69 14.77
C ALA A 202 7.57 5.88 14.41
N LEU A 203 7.60 6.88 15.29
CA LEU A 203 8.44 8.06 15.11
C LEU A 203 9.93 7.73 15.15
N GLU A 204 10.34 6.88 16.08
CA GLU A 204 11.71 6.40 16.07
C GLU A 204 12.07 5.79 14.72
N LEU A 205 11.17 5.05 14.04
CA LEU A 205 11.52 4.38 12.80
C LEU A 205 11.36 5.30 11.57
N ASP A 206 10.65 6.43 11.72
CA ASP A 206 10.42 7.38 10.64
C ASP A 206 10.44 8.80 11.22
N PRO A 207 11.61 9.23 11.71
CA PRO A 207 11.70 10.48 12.42
C PRO A 207 11.57 11.71 11.53
N ARG A 208 11.56 11.53 10.20
CA ARG A 208 11.46 12.68 9.29
C ARG A 208 10.07 12.83 8.72
N SER A 209 9.07 12.15 9.31
CA SER A 209 7.71 12.27 8.82
C SER A 209 7.02 13.47 9.47
N ALA A 210 6.82 14.57 8.74
CA ALA A 210 6.08 15.71 9.27
C ALA A 210 4.70 15.29 9.79
N GLU A 211 4.04 14.39 9.06
CA GLU A 211 2.71 13.94 9.42
C GLU A 211 2.68 13.22 10.77
N ALA A 212 3.68 12.38 11.02
CA ALA A 212 3.75 11.67 12.29
C ALA A 212 3.98 12.61 13.49
N TRP A 213 4.78 13.66 13.31
CA TRP A 213 4.95 14.61 14.38
C TRP A 213 3.62 15.33 14.64
N TYR A 214 2.95 15.73 13.56
CA TYR A 214 1.69 16.45 13.67
C TYR A 214 0.67 15.57 14.37
N ASN A 215 0.65 14.29 14.00
CA ASN A 215 -0.26 13.34 14.62
C ASN A 215 -0.04 13.25 16.12
N LEU A 216 1.24 13.14 16.52
CA LEU A 216 1.61 13.09 17.93
C LEU A 216 1.18 14.38 18.63
N GLY A 217 1.40 15.54 18.01
CA GLY A 217 0.91 16.79 18.54
C GLY A 217 -0.61 16.72 18.77
N ASN A 218 -1.38 16.21 17.80
CA ASN A 218 -2.83 16.09 17.97
C ASN A 218 -3.15 15.20 19.17
N ALA A 219 -2.42 14.09 19.34
CA ALA A 219 -2.69 13.19 20.44
C ALA A 219 -2.54 13.94 21.77
N TYR A 220 -1.44 14.69 21.91
CA TYR A 220 -1.18 15.45 23.11
C TYR A 220 -2.26 16.54 23.26
N TYR A 221 -2.63 17.23 22.17
CA TYR A 221 -3.60 18.30 22.23
C TYR A 221 -4.93 17.81 22.80
N LYS A 222 -5.39 16.68 22.26
CA LYS A 222 -6.63 16.05 22.69
C LYS A 222 -6.57 15.60 24.15
N GLN A 223 -5.38 15.34 24.73
CA GLN A 223 -5.26 15.06 26.15
C GLN A 223 -5.13 16.36 26.95
N GLY A 224 -5.21 17.52 26.28
CA GLY A 224 -5.03 18.82 26.93
C GLY A 224 -3.58 19.09 27.32
N ASP A 225 -2.60 18.35 26.76
CA ASP A 225 -1.20 18.70 27.01
C ASP A 225 -0.66 19.61 25.90
N TYR A 226 -0.97 20.90 26.01
CA TYR A 226 -0.66 21.87 24.97
C TYR A 226 0.83 22.21 24.90
N ASP A 227 1.52 22.04 26.02
CA ASP A 227 2.97 22.17 26.10
C ASP A 227 3.56 21.28 25.01
N GLU A 228 3.28 19.97 25.14
CA GLU A 228 3.82 18.96 24.24
C GLU A 228 3.26 19.14 22.84
N ALA A 229 1.96 19.45 22.71
CA ALA A 229 1.34 19.72 21.43
C ALA A 229 2.16 20.76 20.66
N ILE A 230 2.45 21.88 21.29
CA ILE A 230 3.20 22.95 20.66
C ILE A 230 4.54 22.45 20.16
N GLU A 231 5.25 21.69 21.00
CA GLU A 231 6.57 21.17 20.67
C GLU A 231 6.50 20.27 19.44
N TYR A 232 5.45 19.43 19.32
CA TYR A 232 5.37 18.47 18.21
C TYR A 232 4.95 19.21 16.94
N TYR A 233 4.11 20.21 17.07
CA TYR A 233 3.66 20.91 15.90
C TYR A 233 4.86 21.70 15.35
N GLN A 234 5.69 22.23 16.26
CA GLN A 234 6.91 22.93 15.86
C GLN A 234 7.79 22.01 15.03
N LYS A 235 7.93 20.77 15.51
CA LYS A 235 8.71 19.77 14.82
C LYS A 235 8.12 19.46 13.44
N ALA A 236 6.79 19.28 13.35
CA ALA A 236 6.14 19.06 12.06
C ALA A 236 6.42 20.21 11.09
N LEU A 237 6.40 21.44 11.60
CA LEU A 237 6.55 22.61 10.76
C LEU A 237 7.99 22.80 10.33
N GLU A 238 8.95 22.34 11.14
CA GLU A 238 10.33 22.36 10.74
C GLU A 238 10.46 21.45 9.52
N LEU A 239 9.77 20.31 9.53
CA LEU A 239 9.83 19.38 8.41
C LEU A 239 8.98 19.84 7.24
N ASP A 240 7.82 20.47 7.48
CA ASP A 240 6.96 20.88 6.39
C ASP A 240 6.40 22.27 6.71
N PRO A 241 7.14 23.35 6.39
CA PRO A 241 6.67 24.71 6.69
C PRO A 241 5.40 25.08 5.94
N ARG A 242 4.95 24.25 4.99
CA ARG A 242 3.80 24.58 4.16
C ARG A 242 2.55 23.85 4.64
N SER A 243 2.63 23.16 5.78
CA SER A 243 1.45 22.50 6.33
C SER A 243 0.53 23.55 6.97
N ALA A 244 -0.56 23.93 6.28
CA ALA A 244 -1.62 24.75 6.87
C ALA A 244 -2.17 24.10 8.14
N GLU A 245 -2.30 22.78 8.13
CA GLU A 245 -2.90 22.05 9.24
C GLU A 245 -2.08 22.20 10.52
N ALA A 246 -0.74 22.05 10.41
CA ALA A 246 0.13 22.19 11.57
C ALA A 246 0.09 23.62 12.12
N TRP A 247 0.11 24.62 11.21
CA TRP A 247 0.04 26.02 11.59
C TRP A 247 -1.26 26.26 12.35
N TYR A 248 -2.36 25.72 11.83
CA TYR A 248 -3.67 25.96 12.40
C TYR A 248 -3.73 25.36 13.80
N ASN A 249 -3.24 24.12 13.92
CA ASN A 249 -3.39 23.41 15.19
C ASN A 249 -2.48 24.03 16.24
N LEU A 250 -1.36 24.61 15.79
CA LEU A 250 -0.46 25.36 16.65
C LEU A 250 -1.22 26.56 17.22
N GLY A 251 -1.97 27.22 16.34
CA GLY A 251 -2.79 28.34 16.73
C GLY A 251 -3.85 27.90 17.74
N ASN A 252 -4.43 26.73 17.50
CA ASN A 252 -5.42 26.19 18.40
C ASN A 252 -4.81 25.94 19.78
N ALA A 253 -3.58 25.39 19.82
CA ALA A 253 -2.95 25.09 21.10
C ALA A 253 -2.71 26.37 21.91
N TYR A 254 -2.37 27.47 21.24
CA TYR A 254 -2.23 28.75 21.92
C TYR A 254 -3.62 29.25 22.34
N TYR A 255 -4.61 29.10 21.45
CA TYR A 255 -5.98 29.50 21.74
C TYR A 255 -6.40 28.89 23.07
N LYS A 256 -6.27 27.58 23.17
CA LYS A 256 -6.69 26.85 24.36
C LYS A 256 -5.93 27.30 25.60
N GLN A 257 -4.71 27.82 25.45
CA GLN A 257 -3.98 28.32 26.61
C GLN A 257 -4.28 29.78 26.92
N GLY A 258 -5.20 30.40 26.18
CA GLY A 258 -5.57 31.79 26.40
C GLY A 258 -4.51 32.76 25.87
N ASP A 259 -3.70 32.34 24.90
CA ASP A 259 -2.80 33.27 24.25
C ASP A 259 -3.31 33.59 22.85
N TYR A 260 -4.08 34.67 22.73
CA TYR A 260 -4.88 34.93 21.53
C TYR A 260 -4.05 35.65 20.48
N ASP A 261 -3.07 36.45 20.90
CA ASP A 261 -2.19 37.09 19.94
C ASP A 261 -1.39 36.03 19.18
N GLU A 262 -0.95 34.99 19.89
CA GLU A 262 -0.20 33.91 19.26
C GLU A 262 -1.14 33.08 18.39
N ALA A 263 -2.36 32.80 18.88
CA ALA A 263 -3.32 32.06 18.05
C ALA A 263 -3.54 32.80 16.72
N ILE A 264 -3.72 34.13 16.78
CA ILE A 264 -3.94 34.94 15.59
C ILE A 264 -2.78 34.78 14.60
N GLU A 265 -1.53 34.85 15.07
CA GLU A 265 -0.38 34.79 14.18
C GLU A 265 -0.37 33.47 13.41
N TYR A 266 -0.62 32.36 14.10
CA TYR A 266 -0.55 31.07 13.47
C TYR A 266 -1.78 30.82 12.61
N TYR A 267 -2.95 31.31 13.03
CA TYR A 267 -4.16 31.18 12.23
C TYR A 267 -4.00 31.93 10.91
N GLN A 268 -3.39 33.11 11.01
CA GLN A 268 -3.15 33.92 9.82
C GLN A 268 -2.17 33.24 8.87
N LYS A 269 -1.12 32.63 9.41
CA LYS A 269 -0.21 31.85 8.58
C LYS A 269 -0.97 30.66 7.97
N ALA A 270 -1.77 29.93 8.75
CA ALA A 270 -2.53 28.84 8.22
C ALA A 270 -3.38 29.31 7.02
N LEU A 271 -3.98 30.51 7.11
CA LEU A 271 -5.01 30.96 6.18
C LEU A 271 -4.41 31.63 4.95
N GLU A 272 -3.17 32.12 5.06
CA GLU A 272 -2.40 32.57 3.90
C GLU A 272 -2.05 31.36 3.00
N LEU A 273 -1.85 30.18 3.60
CA LEU A 273 -1.50 28.97 2.87
C LEU A 273 -2.76 28.29 2.28
N ASP A 274 -3.92 28.47 2.93
CA ASP A 274 -5.14 27.78 2.50
C ASP A 274 -6.38 28.53 2.99
N PRO A 275 -7.06 29.34 2.12
CA PRO A 275 -8.16 30.21 2.59
C PRO A 275 -9.60 29.66 2.60
N ARG A 276 -9.77 28.33 2.60
CA ARG A 276 -11.07 27.76 2.29
C ARG A 276 -11.91 27.56 3.56
N SER A 277 -11.30 27.04 4.63
CA SER A 277 -12.01 26.87 5.87
C SER A 277 -11.86 28.16 6.70
#